data_2C7O
#
_entry.id   2C7O
#
_cell.length_a   95.180
_cell.length_b   95.180
_cell.length_c   312.547
_cell.angle_alpha   90.00
_cell.angle_beta   90.00
_cell.angle_gamma   120.00
#
_symmetry.space_group_name_H-M   'H 3 2'
#
loop_
_entity.id
_entity.type
_entity.pdbx_description
1 polymer 'MODIFICATION METHYLASE HHAI'
2 polymer "5'-D(*T*GP*GP*AP*TP*GP*(5CM)*GP*CP*TP*GP*AP *C)-3'"
3 polymer "5'-D(*T*GP*TP*CP*AP*(2PR)*CP*GP*CP*AP*TP*CP *C)-3'"
4 non-polymer S-ADENOSYL-L-HOMOCYSTEINE
5 non-polymer 'SULFATE ION'
6 water water
#
loop_
_entity_poly.entity_id
_entity_poly.type
_entity_poly.pdbx_seq_one_letter_code
_entity_poly.pdbx_strand_id
1 'polypeptide(L)'
;MIEIKDKQLTGLRFIDLFAGLGGFRLALESCGAECVYSNEWDKYAQEVYEMNFGEKPEGDITQVNEKTIPDHDILCAGFP
CQAFSISGKQKGFEDSRGTLFFDIARIVREKKPKVVFMENVKNFASHDNGNTLEVVKNTMNELDYSFHAKVLNALDYGIP
QKRERIYMICFRNDLNIQNFQFPKPFELNTFVKDLLLPDSEVEHLVIDRKDLVMTNQEIEQTTPKTVRLGIVGKGGQGER
IYSTRGIAITLSAYGGGIFAKTGGYLVNGKTRKLHPRECARVMGYPDSYKVHPSTSQAYKQFGNSVVINVLQYIAYNIGS
SLNFKPY
;
A
2 'polydeoxyribonucleotide' (DT)(DG)(DG)(DA)(DT)(DG)(5CM)(DG)(DC)(DT)(DG)(DA)(DC) C
3 'polydeoxyribonucleotide' (DT)(DG)(DT)(DC)(DA)(2PR)(DC)(DG)(DC)(DA)(DT)(DC)(DC) D
#
loop_
_chem_comp.id
_chem_comp.type
_chem_comp.name
_chem_comp.formula
2PR DNA linking 2-AMINO-9-[2-DEOXYRIBOFURANOSYL]-9H-PURINE-5'-MONOPHOSPHATE 'C10 H14 N5 O6 P'
5CM DNA linking 5-METHYL-2'-DEOXY-CYTIDINE-5'-MONOPHOSPHATE 'C10 H16 N3 O7 P'
DA DNA linking 2'-DEOXYADENOSINE-5'-MONOPHOSPHATE 'C10 H14 N5 O6 P'
DC DNA linking 2'-DEOXYCYTIDINE-5'-MONOPHOSPHATE 'C9 H14 N3 O7 P'
DG DNA linking 2'-DEOXYGUANOSINE-5'-MONOPHOSPHATE 'C10 H14 N5 O7 P'
DT DNA linking THYMIDINE-5'-MONOPHOSPHATE 'C10 H15 N2 O8 P'
SAH non-polymer S-ADENOSYL-L-HOMOCYSTEINE 'C14 H20 N6 O5 S'
SO4 non-polymer 'SULFATE ION' 'O4 S -2'
#
# COMPACT_ATOMS: atom_id res chain seq x y z
N MET A 1 7.96 -9.63 -2.07
CA MET A 1 7.36 -10.24 -0.85
C MET A 1 8.25 -11.35 -0.32
N ILE A 2 8.01 -11.78 0.92
CA ILE A 2 8.83 -12.82 1.51
C ILE A 2 8.08 -14.13 1.64
N GLU A 3 8.84 -15.17 1.97
CA GLU A 3 8.29 -16.51 2.17
C GLU A 3 7.78 -16.59 3.60
N ILE A 4 6.65 -17.22 3.81
CA ILE A 4 6.09 -17.38 5.14
C ILE A 4 5.96 -18.88 5.42
N LYS A 5 6.87 -19.41 6.23
CA LYS A 5 6.88 -20.83 6.59
C LYS A 5 5.70 -21.24 7.47
N ASP A 6 5.48 -20.51 8.56
CA ASP A 6 4.36 -20.82 9.46
C ASP A 6 3.13 -20.02 9.03
N LYS A 7 2.17 -20.71 8.43
CA LYS A 7 0.94 -20.07 7.96
C LYS A 7 0.01 -19.74 9.12
N GLN A 8 0.26 -18.61 9.76
CA GLN A 8 -0.53 -18.16 10.91
C GLN A 8 -2.03 -17.97 10.65
N LEU A 9 -2.42 -17.69 9.41
CA LEU A 9 -3.82 -17.46 9.10
C LEU A 9 -4.56 -18.62 8.43
N THR A 10 -3.98 -19.81 8.45
CA THR A 10 -4.64 -20.96 7.84
C THR A 10 -6.04 -21.16 8.43
N GLY A 11 -7.00 -21.42 7.55
CA GLY A 11 -8.37 -21.65 7.98
C GLY A 11 -9.19 -20.39 8.18
N LEU A 12 -8.58 -19.22 8.01
CA LEU A 12 -9.30 -17.98 8.19
C LEU A 12 -9.73 -17.40 6.84
N ARG A 13 -10.92 -16.82 6.81
CA ARG A 13 -11.46 -16.24 5.59
C ARG A 13 -11.37 -14.71 5.68
N PHE A 14 -11.09 -14.05 4.57
CA PHE A 14 -11.02 -12.59 4.58
C PHE A 14 -11.64 -12.00 3.33
N ILE A 15 -12.03 -10.73 3.39
CA ILE A 15 -12.58 -10.06 2.22
C ILE A 15 -11.59 -8.96 1.81
N ASP A 16 -11.56 -8.67 0.52
CA ASP A 16 -10.63 -7.70 -0.06
C ASP A 16 -11.37 -6.47 -0.57
N LEU A 17 -11.61 -5.50 0.31
CA LEU A 17 -12.32 -4.27 -0.09
C LEU A 17 -11.36 -3.24 -0.70
N PHE A 18 -11.86 -2.44 -1.64
CA PHE A 18 -11.03 -1.45 -2.33
C PHE A 18 -9.79 -2.22 -2.77
N ALA A 19 -10.04 -3.41 -3.32
CA ALA A 19 -9.00 -4.34 -3.74
C ALA A 19 -7.83 -3.83 -4.55
N GLY A 20 -8.08 -3.01 -5.57
CA GLY A 20 -6.99 -2.52 -6.40
C GLY A 20 -6.29 -3.71 -7.04
N LEU A 21 -4.98 -3.80 -6.83
CA LEU A 21 -4.17 -4.89 -7.36
C LEU A 21 -4.29 -6.16 -6.52
N GLY A 22 -4.86 -6.03 -5.32
CA GLY A 22 -5.01 -7.19 -4.46
C GLY A 22 -3.82 -7.41 -3.55
N GLY A 23 -3.14 -6.33 -3.18
CA GLY A 23 -1.98 -6.43 -2.30
C GLY A 23 -2.31 -7.11 -0.99
N PHE A 24 -3.45 -6.77 -0.39
CA PHE A 24 -3.85 -7.41 0.87
C PHE A 24 -4.06 -8.90 0.64
N ARG A 25 -4.56 -9.25 -0.54
CA ARG A 25 -4.82 -10.66 -0.86
C ARG A 25 -3.50 -11.42 -0.94
N LEU A 26 -2.50 -10.85 -1.61
CA LEU A 26 -1.20 -11.52 -1.70
C LEU A 26 -0.64 -11.73 -0.29
N ALA A 27 -0.67 -10.68 0.52
CA ALA A 27 -0.16 -10.74 1.88
C ALA A 27 -0.86 -11.77 2.76
N LEU A 28 -2.19 -11.71 2.83
CA LEU A 28 -2.91 -12.66 3.67
C LEU A 28 -2.89 -14.11 3.16
N GLU A 29 -2.92 -14.30 1.85
CA GLU A 29 -2.87 -15.67 1.31
C GLU A 29 -1.50 -16.27 1.59
N SER A 30 -0.45 -15.44 1.60
CA SER A 30 0.89 -15.94 1.87
C SER A 30 0.97 -16.47 3.30
N CYS A 31 0.05 -16.02 4.15
CA CYS A 31 0.01 -16.47 5.53
C CYS A 31 -0.99 -17.62 5.70
N GLY A 32 -1.62 -18.04 4.61
CA GLY A 32 -2.56 -19.15 4.67
C GLY A 32 -4.03 -18.83 4.65
N ALA A 33 -4.40 -17.56 4.66
CA ALA A 33 -5.80 -17.16 4.66
C ALA A 33 -6.48 -17.36 3.30
N GLU A 34 -7.81 -17.41 3.32
CA GLU A 34 -8.60 -17.62 2.11
C GLU A 34 -9.49 -16.43 1.79
N CYS A 35 -9.35 -15.87 0.59
CA CYS A 35 -10.18 -14.73 0.19
C CYS A 35 -11.54 -15.24 -0.24
N VAL A 36 -12.60 -14.67 0.33
CA VAL A 36 -13.96 -15.11 0.00
C VAL A 36 -14.79 -14.02 -0.65
N TYR A 37 -14.21 -12.84 -0.84
CA TYR A 37 -14.92 -11.73 -1.47
C TYR A 37 -13.95 -10.60 -1.76
N SER A 38 -14.16 -9.92 -2.88
CA SER A 38 -13.35 -8.78 -3.26
C SER A 38 -14.25 -7.72 -3.88
N ASN A 39 -13.91 -6.46 -3.64
CA ASN A 39 -14.68 -5.36 -4.18
C ASN A 39 -13.75 -4.25 -4.69
N GLU A 40 -13.97 -3.84 -5.93
CA GLU A 40 -13.18 -2.81 -6.60
C GLU A 40 -13.99 -2.33 -7.80
N TRP A 41 -14.25 -1.03 -7.88
CA TRP A 41 -15.07 -0.50 -8.97
C TRP A 41 -14.34 0.05 -10.18
N ASP A 42 -13.02 0.16 -10.13
CA ASP A 42 -12.30 0.69 -11.28
C ASP A 42 -12.16 -0.41 -12.33
N LYS A 43 -12.58 -0.09 -13.55
CA LYS A 43 -12.55 -1.03 -14.66
C LYS A 43 -11.20 -1.72 -14.88
N TYR A 44 -10.14 -0.91 -14.97
CA TYR A 44 -8.80 -1.44 -15.22
C TYR A 44 -8.24 -2.22 -14.04
N ALA A 45 -8.57 -1.79 -12.82
CA ALA A 45 -8.12 -2.49 -11.64
C ALA A 45 -8.81 -3.86 -11.61
N GLN A 46 -10.08 -3.88 -12.01
CA GLN A 46 -10.80 -5.16 -12.03
C GLN A 46 -10.15 -6.11 -13.03
N GLU A 47 -9.69 -5.55 -14.15
CA GLU A 47 -9.05 -6.34 -15.18
C GLU A 47 -7.76 -6.98 -14.66
N VAL A 48 -6.88 -6.17 -14.07
CA VAL A 48 -5.63 -6.71 -13.55
C VAL A 48 -5.88 -7.66 -12.38
N TYR A 49 -6.91 -7.38 -11.60
CA TYR A 49 -7.23 -8.24 -10.47
C TYR A 49 -7.63 -9.61 -11.00
N GLU A 50 -8.47 -9.61 -12.02
CA GLU A 50 -8.93 -10.86 -12.64
C GLU A 50 -7.77 -11.61 -13.28
N MET A 51 -6.88 -10.85 -13.90
CA MET A 51 -5.70 -11.38 -14.58
C MET A 51 -4.84 -12.18 -13.60
N ASN A 52 -4.80 -11.73 -12.35
CA ASN A 52 -3.98 -12.36 -11.32
C ASN A 52 -4.68 -13.31 -10.35
N PHE A 53 -5.98 -13.11 -10.14
CA PHE A 53 -6.71 -13.96 -9.20
C PHE A 53 -7.84 -14.75 -9.87
N GLY A 54 -8.13 -14.41 -11.12
CA GLY A 54 -9.16 -15.10 -11.86
C GLY A 54 -10.59 -14.77 -11.49
N GLU A 55 -10.81 -13.64 -10.85
CA GLU A 55 -12.17 -13.25 -10.47
C GLU A 55 -12.30 -11.75 -10.66
N LYS A 56 -13.51 -11.31 -11.00
CA LYS A 56 -13.78 -9.90 -11.19
C LYS A 56 -14.40 -9.39 -9.89
N PRO A 57 -13.76 -8.41 -9.22
CA PRO A 57 -14.31 -7.89 -7.96
C PRO A 57 -15.67 -7.25 -8.20
N GLU A 58 -16.51 -7.22 -7.16
CA GLU A 58 -17.83 -6.60 -7.29
C GLU A 58 -17.63 -5.08 -7.34
N GLY A 59 -18.55 -4.38 -7.99
CA GLY A 59 -18.44 -2.93 -8.12
C GLY A 59 -18.89 -2.09 -6.95
N ASP A 60 -18.93 -0.77 -7.19
CA ASP A 60 -19.32 0.24 -6.19
C ASP A 60 -19.82 -0.30 -4.85
N ILE A 61 -18.94 -0.27 -3.86
CA ILE A 61 -19.25 -0.75 -2.52
C ILE A 61 -20.41 0.01 -1.85
N THR A 62 -20.65 1.25 -2.27
CA THR A 62 -21.73 2.03 -1.66
C THR A 62 -23.11 1.52 -2.07
N GLN A 63 -23.16 0.70 -3.11
CA GLN A 63 -24.42 0.14 -3.59
C GLN A 63 -24.60 -1.33 -3.23
N VAL A 64 -23.64 -1.89 -2.50
CA VAL A 64 -23.68 -3.29 -2.10
C VAL A 64 -24.35 -3.46 -0.74
N ASN A 65 -25.34 -4.34 -0.66
CA ASN A 65 -26.02 -4.58 0.61
C ASN A 65 -25.07 -5.42 1.46
N GLU A 66 -24.63 -4.86 2.59
CA GLU A 66 -23.68 -5.55 3.46
C GLU A 66 -24.11 -6.96 3.87
N LYS A 67 -25.41 -7.22 3.87
CA LYS A 67 -25.90 -8.54 4.25
C LYS A 67 -25.52 -9.61 3.22
N THR A 68 -25.22 -9.17 2.00
CA THR A 68 -24.85 -10.08 0.91
C THR A 68 -23.37 -10.46 0.91
N ILE A 69 -22.57 -9.75 1.71
CA ILE A 69 -21.14 -10.05 1.78
C ILE A 69 -20.94 -11.33 2.59
N PRO A 70 -20.17 -12.28 2.05
CA PRO A 70 -19.89 -13.56 2.71
C PRO A 70 -19.32 -13.39 4.11
N ASP A 71 -19.58 -14.36 4.98
CA ASP A 71 -19.05 -14.31 6.32
C ASP A 71 -17.53 -14.40 6.18
N HIS A 72 -16.81 -13.71 7.06
CA HIS A 72 -15.35 -13.71 7.01
C HIS A 72 -14.76 -13.43 8.39
N ASP A 73 -13.47 -13.71 8.55
CA ASP A 73 -12.79 -13.50 9.83
C ASP A 73 -12.01 -12.19 9.86
N ILE A 74 -11.51 -11.78 8.70
CA ILE A 74 -10.72 -10.56 8.61
C ILE A 74 -11.18 -9.69 7.44
N LEU A 75 -11.45 -8.42 7.71
CA LEU A 75 -11.87 -7.50 6.68
C LEU A 75 -10.66 -6.64 6.36
N CYS A 76 -10.28 -6.59 5.08
CA CYS A 76 -9.14 -5.80 4.65
C CYS A 76 -9.61 -4.58 3.86
N ALA A 77 -9.00 -3.43 4.12
CA ALA A 77 -9.40 -2.24 3.39
C ALA A 77 -8.37 -1.12 3.38
N GLY A 78 -7.77 -0.89 2.22
CA GLY A 78 -6.85 0.21 2.06
C GLY A 78 -7.80 1.15 1.35
N PHE A 79 -8.52 1.99 2.10
CA PHE A 79 -9.49 2.87 1.48
C PHE A 79 -8.93 4.13 0.85
N PRO A 80 -9.74 4.81 0.00
CA PRO A 80 -9.31 6.03 -0.68
C PRO A 80 -8.58 7.02 0.21
N CYS A 81 -7.54 7.63 -0.33
CA CYS A 81 -6.73 8.58 0.44
C CYS A 81 -6.63 9.97 -0.18
N GLN A 82 -7.12 10.16 -1.39
CA GLN A 82 -7.02 11.47 -2.03
C GLN A 82 -7.46 12.60 -1.09
N ALA A 83 -8.54 12.34 -0.35
CA ALA A 83 -9.12 13.32 0.58
C ALA A 83 -8.36 13.53 1.89
N PHE A 84 -7.33 12.72 2.14
CA PHE A 84 -6.57 12.85 3.37
C PHE A 84 -5.07 13.03 3.14
N SER A 85 -4.62 12.77 1.92
CA SER A 85 -3.21 12.87 1.59
C SER A 85 -2.65 14.29 1.69
N ILE A 86 -1.38 14.38 2.11
CA ILE A 86 -0.70 15.65 2.25
C ILE A 86 -0.51 16.28 0.86
N SER A 87 -0.61 15.44 -0.18
CA SER A 87 -0.44 15.88 -1.57
C SER A 87 -1.72 16.47 -2.18
N GLY A 88 -2.85 16.26 -1.51
CA GLY A 88 -4.12 16.76 -2.01
C GLY A 88 -4.70 17.97 -1.30
N LYS A 89 -6.01 18.15 -1.44
CA LYS A 89 -6.72 19.28 -0.85
C LYS A 89 -7.16 19.09 0.59
N GLN A 90 -7.07 17.87 1.08
CA GLN A 90 -7.44 17.56 2.46
C GLN A 90 -8.87 17.85 2.88
N LYS A 91 -9.84 17.63 1.98
CA LYS A 91 -11.23 17.88 2.32
C LYS A 91 -11.76 16.82 3.27
N GLY A 92 -11.01 15.72 3.43
CA GLY A 92 -11.41 14.66 4.34
C GLY A 92 -12.80 14.07 4.14
N PHE A 93 -13.54 13.99 5.24
CA PHE A 93 -14.89 13.43 5.21
C PHE A 93 -15.87 14.24 4.37
N GLU A 94 -15.52 15.49 4.07
CA GLU A 94 -16.40 16.33 3.25
C GLU A 94 -16.22 16.02 1.78
N ASP A 95 -15.18 15.25 1.45
CA ASP A 95 -14.88 14.88 0.07
C ASP A 95 -15.73 13.67 -0.33
N SER A 96 -16.18 13.66 -1.58
CA SER A 96 -17.01 12.56 -2.10
C SER A 96 -16.27 11.23 -2.12
N ARG A 97 -14.95 11.29 -1.95
CA ARG A 97 -14.12 10.08 -1.96
C ARG A 97 -13.55 9.87 -0.56
N GLY A 98 -14.02 10.66 0.41
CA GLY A 98 -13.51 10.55 1.76
C GLY A 98 -14.43 9.95 2.80
N THR A 99 -15.57 9.43 2.38
CA THR A 99 -16.50 8.84 3.34
C THR A 99 -16.63 7.33 3.19
N LEU A 100 -15.68 6.71 2.50
CA LEU A 100 -15.72 5.27 2.30
C LEU A 100 -15.55 4.52 3.60
N PHE A 101 -14.87 5.12 4.58
CA PHE A 101 -14.69 4.44 5.85
C PHE A 101 -16.04 4.06 6.48
N PHE A 102 -17.03 4.92 6.31
CA PHE A 102 -18.34 4.65 6.90
C PHE A 102 -19.02 3.46 6.23
N ASP A 103 -18.61 3.16 5.00
CA ASP A 103 -19.15 2.02 4.30
C ASP A 103 -18.52 0.79 4.96
N ILE A 104 -17.26 0.94 5.37
CA ILE A 104 -16.54 -0.12 6.04
C ILE A 104 -17.24 -0.42 7.38
N ALA A 105 -17.57 0.65 8.11
CA ALA A 105 -18.22 0.51 9.41
C ALA A 105 -19.57 -0.20 9.24
N ARG A 106 -20.25 0.13 8.14
CA ARG A 106 -21.55 -0.46 7.84
C ARG A 106 -21.41 -1.97 7.65
N ILE A 107 -20.35 -2.40 6.99
CA ILE A 107 -20.13 -3.81 6.75
C ILE A 107 -19.69 -4.53 8.02
N VAL A 108 -18.84 -3.88 8.80
CA VAL A 108 -18.35 -4.47 10.06
C VAL A 108 -19.51 -4.68 11.03
N ARG A 109 -20.37 -3.67 11.13
CA ARG A 109 -21.53 -3.72 12.01
C ARG A 109 -22.38 -4.96 11.71
N GLU A 110 -22.53 -5.25 10.42
CA GLU A 110 -23.34 -6.39 9.98
C GLU A 110 -22.60 -7.73 10.02
N LYS A 111 -21.37 -7.76 9.50
CA LYS A 111 -20.62 -9.01 9.45
C LYS A 111 -19.76 -9.35 10.67
N LYS A 112 -19.50 -8.36 11.51
CA LYS A 112 -18.72 -8.56 12.73
C LYS A 112 -17.55 -9.55 12.62
N PRO A 113 -16.56 -9.27 11.75
CA PRO A 113 -15.42 -10.16 11.61
C PRO A 113 -14.53 -10.09 12.84
N LYS A 114 -13.63 -11.06 13.01
CA LYS A 114 -12.74 -11.05 14.14
C LYS A 114 -11.78 -9.88 14.08
N VAL A 115 -11.26 -9.60 12.88
CA VAL A 115 -10.29 -8.53 12.68
C VAL A 115 -10.63 -7.59 11.53
N VAL A 116 -10.33 -6.30 11.71
CA VAL A 116 -10.53 -5.29 10.68
C VAL A 116 -9.12 -4.73 10.50
N PHE A 117 -8.59 -4.85 9.29
CA PHE A 117 -7.23 -4.44 8.96
C PHE A 117 -7.31 -3.37 7.86
N MET A 118 -7.03 -2.12 8.23
CA MET A 118 -7.10 -0.99 7.30
C MET A 118 -5.78 -0.29 7.08
N GLU A 119 -5.69 0.43 5.97
CA GLU A 119 -4.48 1.18 5.62
C GLU A 119 -4.84 2.50 4.95
N ASN A 120 -4.04 3.52 5.23
CA ASN A 120 -4.23 4.81 4.59
C ASN A 120 -2.90 5.56 4.68
N VAL A 121 -2.84 6.75 4.09
CA VAL A 121 -1.61 7.53 4.07
C VAL A 121 -1.27 8.15 5.43
N LYS A 122 0.01 8.43 5.63
CA LYS A 122 0.49 9.01 6.88
C LYS A 122 -0.28 10.24 7.35
N ASN A 123 -0.63 11.13 6.42
CA ASN A 123 -1.35 12.34 6.80
C ASN A 123 -2.73 12.05 7.38
N PHE A 124 -3.24 10.85 7.15
CA PHE A 124 -4.53 10.47 7.69
C PHE A 124 -4.46 10.52 9.23
N ALA A 125 -3.29 10.17 9.77
CA ALA A 125 -3.08 10.15 11.22
C ALA A 125 -3.15 11.52 11.90
N SER A 126 -2.79 12.59 11.19
CA SER A 126 -2.81 13.92 11.77
C SER A 126 -3.86 14.85 11.15
N HIS A 127 -4.53 14.38 10.11
CA HIS A 127 -5.55 15.16 9.41
C HIS A 127 -6.58 15.78 10.36
N ASP A 128 -6.91 17.03 10.10
CA ASP A 128 -7.92 17.74 10.88
C ASP A 128 -7.62 17.65 12.37
N ASN A 129 -6.42 18.07 12.74
CA ASN A 129 -5.97 18.06 14.13
C ASN A 129 -6.18 16.72 14.82
N GLY A 130 -5.97 15.64 14.09
CA GLY A 130 -6.13 14.31 14.66
C GLY A 130 -7.56 13.86 14.84
N ASN A 131 -8.50 14.70 14.42
CA ASN A 131 -9.92 14.38 14.54
C ASN A 131 -10.40 13.24 13.65
N THR A 132 -9.79 13.13 12.48
N THR A 132 -9.80 13.11 12.47
CA THR A 132 -10.15 12.08 11.54
CA THR A 132 -10.19 12.05 11.55
C THR A 132 -9.81 10.68 12.07
C THR A 132 -9.83 10.68 12.10
N LEU A 133 -8.63 10.55 12.66
CA LEU A 133 -8.21 9.26 13.21
C LEU A 133 -9.06 8.95 14.43
N GLU A 134 -9.35 9.98 15.23
CA GLU A 134 -10.17 9.82 16.43
C GLU A 134 -11.56 9.28 16.07
N VAL A 135 -12.12 9.78 14.97
CA VAL A 135 -13.43 9.34 14.51
C VAL A 135 -13.41 7.85 14.17
N VAL A 136 -12.35 7.42 13.48
CA VAL A 136 -12.21 6.02 13.10
C VAL A 136 -12.07 5.19 14.37
N LYS A 137 -11.23 5.65 15.30
CA LYS A 137 -11.03 4.93 16.55
C LYS A 137 -12.34 4.76 17.31
N ASN A 138 -13.05 5.87 17.50
CA ASN A 138 -14.32 5.83 18.22
C ASN A 138 -15.35 4.98 17.50
N THR A 139 -15.36 5.02 16.18
CA THR A 139 -16.31 4.23 15.43
C THR A 139 -16.05 2.74 15.68
N MET A 140 -14.78 2.33 15.59
CA MET A 140 -14.44 0.93 15.81
C MET A 140 -14.76 0.52 17.24
N ASN A 141 -14.43 1.38 18.19
CA ASN A 141 -14.70 1.10 19.60
C ASN A 141 -16.19 0.89 19.79
N GLU A 142 -16.99 1.78 19.20
CA GLU A 142 -18.44 1.68 19.28
C GLU A 142 -18.90 0.34 18.71
N LEU A 143 -18.22 -0.14 17.68
CA LEU A 143 -18.57 -1.42 17.07
C LEU A 143 -18.05 -2.58 17.92
N ASP A 144 -17.47 -2.25 19.07
CA ASP A 144 -16.96 -3.23 20.01
C ASP A 144 -15.63 -3.87 19.58
N TYR A 145 -14.74 -3.05 19.02
CA TYR A 145 -13.43 -3.50 18.59
C TYR A 145 -12.33 -2.70 19.28
N SER A 146 -11.16 -3.33 19.43
CA SER A 146 -10.01 -2.63 20.00
C SER A 146 -9.46 -1.87 18.81
N PHE A 147 -8.59 -0.89 19.03
CA PHE A 147 -8.05 -0.12 17.93
C PHE A 147 -6.54 0.09 18.10
N HIS A 148 -5.76 -0.49 17.19
CA HIS A 148 -4.30 -0.35 17.21
C HIS A 148 -3.91 0.36 15.92
N ALA A 149 -3.27 1.52 16.05
CA ALA A 149 -2.87 2.25 14.87
C ALA A 149 -1.43 2.76 14.98
N LYS A 150 -0.69 2.63 13.90
CA LYS A 150 0.69 3.09 13.89
C LYS A 150 1.17 3.34 12.48
N VAL A 151 2.01 4.34 12.33
CA VAL A 151 2.58 4.69 11.04
C VAL A 151 3.87 3.90 10.87
N LEU A 152 3.96 3.13 9.79
CA LEU A 152 5.15 2.34 9.51
C LEU A 152 5.73 2.80 8.17
N ASN A 153 7.06 2.83 8.08
CA ASN A 153 7.77 3.26 6.89
C ASN A 153 8.30 1.99 6.23
N ALA A 154 7.98 1.76 4.96
CA ALA A 154 8.43 0.55 4.27
C ALA A 154 9.95 0.31 4.32
N LEU A 155 10.73 1.39 4.40
CA LEU A 155 12.18 1.26 4.44
C LEU A 155 12.66 0.49 5.66
N ASP A 156 11.81 0.38 6.67
CA ASP A 156 12.15 -0.34 7.90
C ASP A 156 11.81 -1.82 7.81
N TYR A 157 11.21 -2.22 6.70
CA TYR A 157 10.81 -3.61 6.53
C TYR A 157 11.34 -4.31 5.27
N GLY A 158 12.57 -3.98 4.91
CA GLY A 158 13.22 -4.59 3.75
C GLY A 158 12.87 -4.14 2.35
N ILE A 159 12.12 -3.05 2.22
CA ILE A 159 11.75 -2.56 0.90
C ILE A 159 12.28 -1.14 0.76
N PRO A 160 13.06 -0.88 -0.31
CA PRO A 160 13.63 0.45 -0.54
C PRO A 160 12.67 1.52 -1.07
N GLN A 161 11.76 1.98 -0.20
CA GLN A 161 10.80 3.03 -0.55
C GLN A 161 10.37 3.72 0.76
N LYS A 162 10.44 5.05 0.78
CA LYS A 162 10.04 5.80 1.97
C LYS A 162 8.52 5.97 2.00
N ARG A 163 7.80 4.86 1.87
CA ARG A 163 6.34 4.91 1.87
C ARG A 163 5.83 4.80 3.30
N GLU A 164 5.39 5.93 3.84
CA GLU A 164 4.87 5.98 5.21
C GLU A 164 3.36 5.87 5.19
N ARG A 165 2.83 4.88 5.91
CA ARG A 165 1.41 4.66 5.94
C ARG A 165 0.95 4.34 7.34
N ILE A 166 -0.32 4.64 7.63
CA ILE A 166 -0.86 4.32 8.94
C ILE A 166 -1.61 3.02 8.76
N TYR A 167 -1.36 2.08 9.66
CA TYR A 167 -2.01 0.79 9.62
C TYR A 167 -2.87 0.67 10.87
N MET A 168 -4.12 0.27 10.69
CA MET A 168 -5.05 0.15 11.80
C MET A 168 -5.55 -1.28 11.88
N ILE A 169 -5.25 -1.91 13.02
CA ILE A 169 -5.63 -3.30 13.28
C ILE A 169 -6.67 -3.29 14.40
N CYS A 170 -7.84 -3.87 14.15
CA CYS A 170 -8.91 -3.88 15.15
C CYS A 170 -9.38 -5.29 15.47
N PHE A 171 -9.38 -5.64 16.75
CA PHE A 171 -9.81 -6.96 17.20
C PHE A 171 -11.16 -6.87 17.92
N ARG A 172 -12.06 -7.78 17.60
CA ARG A 172 -13.36 -7.79 18.24
C ARG A 172 -13.07 -8.02 19.72
N ASN A 173 -13.65 -7.20 20.58
CA ASN A 173 -13.41 -7.28 22.01
C ASN A 173 -13.58 -8.64 22.68
N ASP A 174 -14.56 -9.42 22.23
CA ASP A 174 -14.78 -10.72 22.85
C ASP A 174 -13.60 -11.67 22.67
N LEU A 175 -12.66 -11.32 21.80
CA LEU A 175 -11.50 -12.16 21.56
C LEU A 175 -10.41 -11.88 22.59
N ASN A 176 -10.56 -10.76 23.30
CA ASN A 176 -9.61 -10.36 24.34
C ASN A 176 -8.15 -10.49 23.91
N ILE A 177 -7.83 -9.87 22.77
CA ILE A 177 -6.47 -9.90 22.25
C ILE A 177 -5.67 -8.80 22.93
N GLN A 178 -4.69 -9.21 23.74
CA GLN A 178 -3.87 -8.25 24.48
C GLN A 178 -2.41 -8.26 24.05
N ASN A 179 -2.06 -9.09 23.06
CA ASN A 179 -0.66 -9.16 22.66
C ASN A 179 -0.36 -8.80 21.22
N PHE A 180 -1.18 -7.96 20.60
CA PHE A 180 -0.89 -7.60 19.23
C PHE A 180 0.25 -6.60 19.25
N GLN A 181 1.19 -6.77 18.33
CA GLN A 181 2.29 -5.83 18.24
C GLN A 181 2.63 -5.58 16.80
N PHE A 182 2.96 -4.33 16.49
CA PHE A 182 3.35 -3.97 15.15
C PHE A 182 4.75 -4.53 14.96
N PRO A 183 5.07 -5.01 13.74
CA PRO A 183 6.40 -5.57 13.52
C PRO A 183 7.51 -4.58 13.84
N LYS A 184 8.61 -5.10 14.39
CA LYS A 184 9.76 -4.27 14.74
C LYS A 184 10.64 -4.03 13.51
N PRO A 185 11.13 -2.78 13.36
CA PRO A 185 11.98 -2.43 12.22
C PRO A 185 13.29 -3.21 12.21
N PHE A 186 13.83 -3.44 11.01
CA PHE A 186 15.12 -4.11 10.89
C PHE A 186 15.93 -3.42 9.80
N GLU A 187 17.24 -3.66 9.79
CA GLU A 187 18.13 -3.02 8.83
C GLU A 187 17.80 -3.32 7.38
N LEU A 188 17.81 -2.27 6.56
CA LEU A 188 17.53 -2.37 5.13
C LEU A 188 18.80 -2.80 4.39
N ASN A 189 18.71 -3.88 3.61
CA ASN A 189 19.87 -4.36 2.87
C ASN A 189 19.58 -4.42 1.37
N THR A 190 18.49 -3.78 0.95
CA THR A 190 18.10 -3.74 -0.47
C THR A 190 17.85 -2.29 -0.82
N PHE A 191 18.37 -1.86 -1.95
CA PHE A 191 18.21 -0.48 -2.40
C PHE A 191 17.64 -0.42 -3.81
N VAL A 192 17.29 0.77 -4.27
CA VAL A 192 16.70 0.87 -5.61
C VAL A 192 17.52 0.17 -6.68
N LYS A 193 18.84 0.36 -6.66
CA LYS A 193 19.68 -0.27 -7.68
C LYS A 193 19.58 -1.79 -7.72
N ASP A 194 19.17 -2.40 -6.62
CA ASP A 194 19.05 -3.85 -6.58
C ASP A 194 17.78 -4.38 -7.26
N LEU A 195 16.83 -3.49 -7.54
CA LEU A 195 15.57 -3.88 -8.15
C LEU A 195 15.40 -3.45 -9.60
N LEU A 196 16.37 -2.72 -10.15
CA LEU A 196 16.27 -2.26 -11.52
C LEU A 196 16.37 -3.36 -12.57
N LEU A 197 15.71 -3.11 -13.70
CA LEU A 197 15.72 -4.01 -14.83
C LEU A 197 16.97 -3.67 -15.64
N PRO A 198 17.36 -4.55 -16.59
CA PRO A 198 18.53 -4.30 -17.42
C PRO A 198 18.23 -3.04 -18.26
N ASP A 199 19.27 -2.29 -18.62
CA ASP A 199 19.11 -1.07 -19.40
C ASP A 199 18.36 -1.26 -20.72
N SER A 200 18.56 -2.41 -21.35
CA SER A 200 17.91 -2.68 -22.63
C SER A 200 16.39 -2.68 -22.59
N GLU A 201 15.83 -2.96 -21.41
CA GLU A 201 14.38 -3.02 -21.26
C GLU A 201 13.72 -1.71 -20.82
N VAL A 202 14.53 -0.69 -20.54
CA VAL A 202 13.99 0.59 -20.07
C VAL A 202 14.51 1.81 -20.83
N GLU A 203 15.09 1.58 -22.00
CA GLU A 203 15.63 2.67 -22.82
C GLU A 203 14.58 3.71 -23.18
N HIS A 204 13.33 3.26 -23.37
CA HIS A 204 12.24 4.15 -23.74
C HIS A 204 11.82 5.10 -22.64
N LEU A 205 12.29 4.84 -21.42
CA LEU A 205 11.95 5.67 -20.27
C LEU A 205 13.01 6.73 -20.01
N VAL A 206 14.10 6.68 -20.78
CA VAL A 206 15.18 7.65 -20.62
C VAL A 206 14.74 9.02 -21.11
N ILE A 207 14.84 9.99 -20.21
CA ILE A 207 14.45 11.37 -20.47
C ILE A 207 15.69 12.25 -20.41
N ASP A 208 15.98 12.96 -21.50
CA ASP A 208 17.13 13.85 -21.50
C ASP A 208 16.66 15.29 -21.68
N ARG A 209 16.45 15.97 -20.56
CA ARG A 209 15.99 17.35 -20.62
C ARG A 209 17.11 18.34 -20.44
N LYS A 210 17.13 19.36 -21.31
CA LYS A 210 18.17 20.36 -21.26
C LYS A 210 18.03 21.30 -20.07
N ASP A 211 16.95 21.16 -19.31
CA ASP A 211 16.76 21.99 -18.13
C ASP A 211 17.06 21.19 -16.87
N LEU A 212 17.80 20.10 -17.04
CA LEU A 212 18.21 19.24 -15.94
C LEU A 212 19.29 19.95 -15.15
N VAL A 213 19.10 20.03 -13.83
CA VAL A 213 20.06 20.68 -12.97
C VAL A 213 20.48 19.73 -11.86
N MET A 214 21.66 19.14 -12.00
CA MET A 214 22.16 18.23 -10.98
C MET A 214 22.60 19.08 -9.78
N THR A 215 21.98 18.84 -8.63
CA THR A 215 22.27 19.61 -7.43
C THR A 215 23.24 18.95 -6.45
N ASN A 216 23.31 17.61 -6.48
CA ASN A 216 24.18 16.89 -5.57
C ASN A 216 24.93 15.79 -6.30
N GLN A 217 26.12 15.45 -5.79
CA GLN A 217 26.95 14.41 -6.39
C GLN A 217 26.40 13.02 -6.09
N GLU A 218 26.51 12.12 -7.06
CA GLU A 218 26.05 10.76 -6.86
C GLU A 218 26.78 10.18 -5.65
N ILE A 219 26.16 9.23 -4.97
CA ILE A 219 26.78 8.60 -3.80
C ILE A 219 27.20 7.19 -4.18
N GLU A 220 28.30 6.71 -3.61
CA GLU A 220 28.77 5.36 -3.89
C GLU A 220 28.34 4.38 -2.81
N GLN A 221 27.98 4.92 -1.65
CA GLN A 221 27.55 4.12 -0.51
C GLN A 221 26.03 4.07 -0.41
N THR A 222 25.48 2.87 -0.28
CA THR A 222 24.04 2.72 -0.15
C THR A 222 23.58 3.31 1.18
N THR A 223 22.41 3.90 1.18
CA THR A 223 21.86 4.51 2.39
C THR A 223 20.35 4.32 2.40
N PRO A 224 19.77 4.08 3.59
CA PRO A 224 18.32 3.88 3.72
C PRO A 224 17.50 5.16 3.76
N LYS A 225 17.72 6.04 2.79
CA LYS A 225 16.98 7.28 2.71
C LYS A 225 16.94 7.75 1.27
N THR A 226 16.07 8.70 0.95
CA THR A 226 16.03 9.21 -0.42
C THR A 226 17.16 10.23 -0.55
N VAL A 227 17.86 10.17 -1.67
CA VAL A 227 18.96 11.08 -1.91
C VAL A 227 18.67 11.83 -3.20
N ARG A 228 18.29 13.10 -3.11
CA ARG A 228 18.01 13.84 -4.32
C ARG A 228 19.31 14.27 -4.98
N LEU A 229 19.40 14.09 -6.29
CA LEU A 229 20.61 14.43 -7.02
C LEU A 229 20.40 15.59 -7.98
N GLY A 230 19.13 15.89 -8.27
CA GLY A 230 18.84 16.99 -9.17
C GLY A 230 17.37 17.20 -9.48
N ILE A 231 17.10 18.17 -10.37
CA ILE A 231 15.74 18.48 -10.78
C ILE A 231 15.66 18.92 -12.24
N VAL A 232 14.43 19.02 -12.74
CA VAL A 232 14.16 19.49 -14.09
C VAL A 232 13.03 20.50 -13.85
N GLY A 233 12.89 21.46 -14.75
CA GLY A 233 11.85 22.46 -14.57
C GLY A 233 12.02 23.17 -13.24
N LYS A 234 10.95 23.29 -12.48
CA LYS A 234 10.99 23.96 -11.18
C LYS A 234 11.21 23.01 -10.00
N GLY A 235 11.38 21.73 -10.26
CA GLY A 235 11.60 20.78 -9.19
C GLY A 235 10.37 20.39 -8.38
N GLY A 236 9.19 20.44 -9.02
CA GLY A 236 7.98 20.05 -8.32
C GLY A 236 7.85 18.55 -8.34
N GLN A 237 6.67 18.04 -8.01
CA GLN A 237 6.46 16.60 -8.00
C GLN A 237 6.70 16.04 -9.41
N GLY A 238 7.44 14.94 -9.48
CA GLY A 238 7.73 14.35 -10.78
C GLY A 238 8.86 15.05 -11.53
N GLU A 239 9.49 16.03 -10.90
CA GLU A 239 10.59 16.77 -11.53
C GLU A 239 11.84 16.69 -10.64
N ARG A 240 11.92 15.62 -9.86
CA ARG A 240 13.03 15.40 -8.95
C ARG A 240 13.74 14.11 -9.31
N ILE A 241 15.07 14.14 -9.30
CA ILE A 241 15.88 12.97 -9.65
C ILE A 241 16.62 12.46 -8.42
N TYR A 242 16.54 11.16 -8.18
CA TYR A 242 17.16 10.55 -7.01
C TYR A 242 18.20 9.47 -7.32
N SER A 243 19.02 9.18 -6.32
CA SER A 243 20.06 8.17 -6.47
C SER A 243 19.47 6.78 -6.26
N THR A 244 19.94 5.82 -7.06
CA THR A 244 19.50 4.45 -6.96
C THR A 244 20.25 3.73 -5.81
N ARG A 245 21.25 4.40 -5.23
CA ARG A 245 21.98 3.82 -4.10
C ARG A 245 21.20 4.12 -2.81
N GLY A 246 20.15 4.91 -2.96
CA GLY A 246 19.30 5.24 -1.83
C GLY A 246 17.99 4.46 -1.99
N ILE A 247 16.89 5.00 -1.47
CA ILE A 247 15.61 4.32 -1.60
C ILE A 247 14.68 5.14 -2.50
N ALA A 248 13.59 4.51 -2.95
CA ALA A 248 12.65 5.20 -3.82
C ALA A 248 11.69 6.12 -3.08
N ILE A 249 11.20 7.15 -3.75
CA ILE A 249 10.23 8.06 -3.14
C ILE A 249 8.89 7.34 -3.23
N THR A 250 7.89 7.84 -2.51
CA THR A 250 6.57 7.23 -2.52
C THR A 250 5.95 7.24 -3.93
N LEU A 251 5.52 6.07 -4.39
CA LEU A 251 4.89 5.99 -5.70
C LEU A 251 3.47 6.59 -5.55
N SER A 252 3.01 7.32 -6.56
CA SER A 252 1.68 7.92 -6.49
C SER A 252 0.75 7.49 -7.63
N ALA A 253 -0.55 7.65 -7.41
CA ALA A 253 -1.56 7.22 -8.37
C ALA A 253 -1.98 8.23 -9.44
N TYR A 254 -2.02 9.51 -9.09
CA TYR A 254 -2.42 10.54 -10.02
C TYR A 254 -1.29 11.55 -10.22
N GLY A 255 -0.09 11.17 -9.81
CA GLY A 255 1.07 12.04 -9.92
C GLY A 255 1.39 12.59 -11.30
N GLY A 256 1.90 13.83 -11.32
CA GLY A 256 2.27 14.49 -12.55
C GLY A 256 3.76 14.69 -12.68
N GLY A 257 4.18 15.59 -13.57
CA GLY A 257 5.59 15.84 -13.76
C GLY A 257 6.12 14.91 -14.84
N ILE A 258 7.30 15.20 -15.37
CA ILE A 258 7.89 14.37 -16.41
C ILE A 258 8.23 12.94 -15.96
N PHE A 259 8.56 12.79 -14.68
CA PHE A 259 8.88 11.47 -14.10
C PHE A 259 7.65 11.08 -13.26
N ALA A 260 6.47 11.32 -13.83
CA ALA A 260 5.20 11.04 -13.17
C ALA A 260 5.05 9.72 -12.42
N LYS A 261 4.49 9.81 -11.22
CA LYS A 261 4.17 8.66 -10.39
C LYS A 261 5.28 7.76 -9.84
N THR A 262 6.51 7.94 -10.30
CA THR A 262 7.61 7.10 -9.81
C THR A 262 8.80 7.94 -9.37
N GLY A 263 8.93 9.13 -9.95
CA GLY A 263 10.07 9.97 -9.63
C GLY A 263 11.16 9.61 -10.63
N GLY A 264 12.20 10.44 -10.73
CA GLY A 264 13.27 10.17 -11.66
C GLY A 264 14.50 9.61 -10.96
N TYR A 265 15.27 8.81 -11.66
CA TYR A 265 16.48 8.21 -11.09
C TYR A 265 17.67 8.28 -12.03
N LEU A 266 18.86 8.43 -11.45
CA LEU A 266 20.09 8.46 -12.23
C LEU A 266 20.52 7.01 -12.37
N VAL A 267 20.53 6.51 -13.60
CA VAL A 267 20.92 5.14 -13.85
C VAL A 267 21.97 5.12 -14.97
N ASN A 268 23.18 4.69 -14.63
CA ASN A 268 24.26 4.60 -15.60
C ASN A 268 24.43 5.86 -16.46
N GLY A 269 24.49 7.01 -15.80
CA GLY A 269 24.68 8.27 -16.51
C GLY A 269 23.47 8.92 -17.12
N LYS A 270 22.33 8.24 -17.07
CA LYS A 270 21.09 8.77 -17.64
C LYS A 270 19.99 8.94 -16.60
N THR A 271 19.01 9.80 -16.90
CA THR A 271 17.89 10.04 -16.00
C THR A 271 16.61 9.42 -16.59
N ARG A 272 15.90 8.61 -15.81
CA ARG A 272 14.67 7.99 -16.30
C ARG A 272 13.70 7.68 -15.16
N LYS A 273 12.43 7.51 -15.51
CA LYS A 273 11.45 7.16 -14.50
C LYS A 273 11.48 5.63 -14.39
N LEU A 274 10.73 5.07 -13.45
CA LEU A 274 10.73 3.62 -13.29
C LEU A 274 9.77 2.92 -14.24
N HIS A 275 10.08 1.67 -14.52
CA HIS A 275 9.29 0.79 -15.38
C HIS A 275 8.23 0.19 -14.47
N PRO A 276 7.04 -0.13 -15.01
CA PRO A 276 5.99 -0.73 -14.18
C PRO A 276 6.46 -1.94 -13.37
N ARG A 277 7.36 -2.74 -13.93
CA ARG A 277 7.87 -3.91 -13.22
C ARG A 277 8.77 -3.48 -12.06
N GLU A 278 9.46 -2.36 -12.19
CA GLU A 278 10.31 -1.87 -11.12
C GLU A 278 9.41 -1.26 -10.03
N CYS A 279 8.26 -0.71 -10.43
CA CYS A 279 7.31 -0.16 -9.46
C CYS A 279 6.78 -1.33 -8.63
N ALA A 280 6.49 -2.43 -9.32
CA ALA A 280 5.99 -3.64 -8.65
C ALA A 280 7.00 -4.09 -7.59
N ARG A 281 8.26 -4.15 -7.98
CA ARG A 281 9.31 -4.58 -7.05
C ARG A 281 9.47 -3.63 -5.87
N VAL A 282 9.38 -2.32 -6.13
N VAL A 282 9.40 -2.32 -6.10
CA VAL A 282 9.51 -1.31 -5.07
CA VAL A 282 9.53 -1.37 -5.00
C VAL A 282 8.30 -1.38 -4.13
C VAL A 282 8.31 -1.43 -4.09
N MET A 283 7.26 -2.08 -4.56
CA MET A 283 6.03 -2.24 -3.77
C MET A 283 5.99 -3.66 -3.19
N GLY A 284 7.07 -4.42 -3.41
CA GLY A 284 7.16 -5.77 -2.87
C GLY A 284 6.41 -6.84 -3.62
N TYR A 285 5.91 -6.53 -4.80
CA TYR A 285 5.19 -7.52 -5.60
C TYR A 285 6.15 -8.50 -6.26
N PRO A 286 5.78 -9.77 -6.30
CA PRO A 286 6.64 -10.79 -6.92
C PRO A 286 6.66 -10.59 -8.43
N ASP A 287 7.73 -11.05 -9.08
CA ASP A 287 7.81 -10.90 -10.53
C ASP A 287 6.73 -11.71 -11.23
N SER A 288 6.15 -12.67 -10.52
CA SER A 288 5.10 -13.49 -11.10
C SER A 288 3.78 -12.75 -11.24
N TYR A 289 3.65 -11.61 -10.56
CA TYR A 289 2.42 -10.83 -10.64
C TYR A 289 2.34 -10.15 -12.01
N LYS A 290 1.21 -10.36 -12.69
CA LYS A 290 0.99 -9.80 -14.02
C LYS A 290 0.52 -8.34 -13.96
N VAL A 291 1.28 -7.45 -14.60
N VAL A 291 1.28 -7.45 -14.58
CA VAL A 291 0.97 -6.03 -14.62
CA VAL A 291 0.93 -6.02 -14.58
C VAL A 291 -0.08 -5.74 -15.68
C VAL A 291 -0.09 -5.73 -15.68
N HIS A 292 -0.88 -4.70 -15.47
CA HIS A 292 -1.90 -4.33 -16.44
C HIS A 292 -1.25 -3.92 -17.76
N PRO A 293 -1.84 -4.30 -18.90
CA PRO A 293 -1.31 -3.96 -20.22
C PRO A 293 -1.12 -2.46 -20.52
N SER A 294 -1.88 -1.61 -19.83
CA SER A 294 -1.74 -0.17 -20.01
C SER A 294 -0.72 0.33 -18.99
N THR A 295 0.42 0.83 -19.46
CA THR A 295 1.44 1.33 -18.53
C THR A 295 0.91 2.47 -17.67
N SER A 296 0.07 3.31 -18.25
CA SER A 296 -0.48 4.44 -17.51
C SER A 296 -1.33 3.91 -16.35
N GLN A 297 -2.17 2.90 -16.63
CA GLN A 297 -3.00 2.31 -15.59
C GLN A 297 -2.17 1.54 -14.57
N ALA A 298 -1.10 0.89 -15.01
CA ALA A 298 -0.24 0.15 -14.10
C ALA A 298 0.45 1.09 -13.12
N TYR A 299 0.94 2.23 -13.60
CA TYR A 299 1.59 3.20 -12.72
C TYR A 299 0.60 3.70 -11.67
N LYS A 300 -0.65 3.91 -12.10
CA LYS A 300 -1.71 4.38 -11.23
C LYS A 300 -2.02 3.35 -10.15
N GLN A 301 -2.15 2.09 -10.58
CA GLN A 301 -2.46 0.99 -9.68
C GLN A 301 -1.38 0.77 -8.62
N PHE A 302 -0.13 0.72 -9.05
CA PHE A 302 0.95 0.54 -8.08
C PHE A 302 1.07 1.76 -7.17
N GLY A 303 0.77 2.94 -7.71
CA GLY A 303 0.83 4.15 -6.92
C GLY A 303 -0.22 4.20 -5.82
N ASN A 304 -1.32 3.50 -6.03
CA ASN A 304 -2.45 3.43 -5.09
C ASN A 304 -2.27 2.29 -4.09
N SER A 305 -1.41 1.35 -4.44
CA SER A 305 -1.22 0.14 -3.66
C SER A 305 -0.50 0.16 -2.32
N VAL A 306 -0.22 -1.06 -1.85
CA VAL A 306 0.44 -1.30 -0.57
C VAL A 306 1.72 -2.10 -0.79
N VAL A 307 2.65 -1.97 0.16
CA VAL A 307 3.91 -2.72 0.10
C VAL A 307 3.59 -4.08 0.71
N ILE A 308 3.63 -5.13 -0.11
CA ILE A 308 3.31 -6.47 0.36
C ILE A 308 4.05 -6.91 1.61
N ASN A 309 5.37 -6.75 1.62
CA ASN A 309 6.20 -7.14 2.75
C ASN A 309 5.69 -6.58 4.07
N VAL A 310 5.33 -5.29 4.09
CA VAL A 310 4.83 -4.68 5.32
C VAL A 310 3.54 -5.35 5.79
N LEU A 311 2.60 -5.57 4.87
N LEU A 311 2.61 -5.57 4.87
CA LEU A 311 1.34 -6.22 5.24
CA LEU A 311 1.35 -6.22 5.21
C LEU A 311 1.56 -7.66 5.68
C LEU A 311 1.56 -7.65 5.68
N GLN A 312 2.58 -8.30 5.12
CA GLN A 312 2.91 -9.67 5.49
C GLN A 312 3.32 -9.79 6.95
N TYR A 313 4.19 -8.88 7.40
CA TYR A 313 4.63 -8.90 8.79
C TYR A 313 3.47 -8.59 9.71
N ILE A 314 2.62 -7.64 9.31
CA ILE A 314 1.46 -7.30 10.13
C ILE A 314 0.48 -8.47 10.17
N ALA A 315 0.21 -9.07 9.01
CA ALA A 315 -0.72 -10.20 8.93
C ALA A 315 -0.22 -11.35 9.80
N TYR A 316 1.08 -11.59 9.77
CA TYR A 316 1.67 -12.64 10.56
C TYR A 316 1.41 -12.41 12.05
N ASN A 317 1.59 -11.17 12.48
CA ASN A 317 1.40 -10.78 13.87
C ASN A 317 -0.06 -10.83 14.28
N ILE A 318 -0.95 -10.57 13.34
CA ILE A 318 -2.39 -10.63 13.62
C ILE A 318 -2.69 -12.11 13.91
N GLY A 319 -2.16 -12.99 13.06
CA GLY A 319 -2.36 -14.41 13.23
C GLY A 319 -1.72 -14.93 14.50
N SER A 320 -0.52 -14.44 14.82
CA SER A 320 0.19 -14.84 16.02
C SER A 320 -0.64 -14.53 17.27
N SER A 321 -1.31 -13.37 17.25
CA SER A 321 -2.15 -12.97 18.37
C SER A 321 -3.42 -13.81 18.46
N LEU A 322 -4.06 -14.07 17.33
CA LEU A 322 -5.28 -14.86 17.33
C LEU A 322 -5.00 -16.31 17.76
N ASN A 323 -3.83 -16.83 17.45
CA ASN A 323 -3.49 -18.21 17.79
C ASN A 323 -3.05 -18.45 19.22
N PHE A 324 -2.76 -17.38 19.94
CA PHE A 324 -2.33 -17.53 21.32
C PHE A 324 -3.59 -17.63 22.19
N LYS A 325 -4.02 -18.86 22.45
CA LYS A 325 -5.20 -19.12 23.26
C LYS A 325 -4.88 -20.15 24.33
N PRO A 326 -4.03 -19.78 25.31
CA PRO A 326 -3.67 -20.74 26.36
C PRO A 326 -4.84 -21.06 27.29
N TYR A 327 -4.72 -22.16 28.02
CA TYR A 327 -5.74 -22.56 28.98
C TYR A 327 -5.57 -21.72 30.24
N1 5CM B 7 2.42 21.52 -10.83
C2 5CM B 7 1.59 20.63 -10.20
N3 5CM B 7 2.08 19.34 -10.11
C4 5CM B 7 3.30 18.89 -10.57
C5 5CM B 7 4.14 19.87 -11.21
C5A 5CM B 7 5.49 19.47 -11.69
C6 5CM B 7 3.67 21.13 -11.31
O2 5CM B 7 0.51 20.94 -9.73
N4 5CM B 7 3.62 17.61 -10.45
C1' 5CM B 7 1.95 22.91 -11.00
C2' 5CM B 7 2.90 23.98 -10.52
C3' 5CM B 7 2.49 25.18 -11.36
C4' 5CM B 7 1.91 24.57 -12.63
O4' 5CM B 7 1.80 23.15 -12.39
O3' 5CM B 7 1.48 25.92 -10.71
C5' 5CM B 7 2.76 24.86 -13.84
O5' 5CM B 7 4.13 24.80 -13.50
P 5CM B 7 5.23 25.08 -14.60
OP1 5CM B 7 5.19 26.53 -14.90
OP2 5CM B 7 6.50 24.45 -14.17
P 2PR C 6 7.78 11.52 -1.27
OP1 2PR C 6 8.00 10.08 -1.00
OP2 2PR C 6 8.13 12.08 -2.61
O5' 2PR C 6 6.25 11.88 -1.03
C5' 2PR C 6 5.62 11.63 0.23
C4' 2PR C 6 4.21 12.17 0.20
O4' 2PR C 6 4.27 13.60 -0.01
C3' 2PR C 6 3.34 11.62 -0.94
O3' 2PR C 6 1.97 11.55 -0.51
C2' 2PR C 6 3.49 12.67 -2.02
C1' 2PR C 6 3.60 13.95 -1.20
N9 2PR C 6 4.36 15.03 -1.85
C8 2PR C 6 5.58 14.93 -2.45
N7 2PR C 6 6.01 16.06 -2.96
C5 2PR C 6 5.00 16.96 -2.66
C6 2PR C 6 4.88 18.34 -2.98
N1 2PR C 6 3.69 18.89 -2.49
C2 2PR C 6 2.73 18.18 -1.79
N2 2PR C 6 1.66 18.87 -1.38
N3 2PR C 6 2.83 16.89 -1.50
C4 2PR C 6 3.98 16.35 -1.97
N SAH D . -4.82 -1.80 -1.34
CA SAH D . -5.33 -1.69 -2.72
CB SAH D . -5.44 -0.30 -3.34
CG SAH D . -6.33 0.64 -2.54
SD SAH D . -6.51 2.31 -3.27
C SAH D . -4.39 -2.63 -3.50
O SAH D . -3.47 -3.30 -2.91
OXT SAH D . -3.79 -2.15 -4.56
C5' SAH D . -8.30 2.47 -3.14
C4' SAH D . -9.14 1.69 -4.15
O4' SAH D . -10.50 1.91 -3.88
C3' SAH D . -8.97 2.13 -5.59
O3' SAH D . -8.47 1.05 -6.42
C2' SAH D . -10.38 2.58 -6.00
O2' SAH D . -10.70 2.33 -7.39
C1' SAH D . -11.24 1.79 -5.09
N9 SAH D . -12.52 2.41 -4.84
C8 SAH D . -12.75 3.75 -4.56
N7 SAH D . -14.01 4.01 -4.36
C5 SAH D . -14.65 2.78 -4.50
C6 SAH D . -16.01 2.38 -4.40
N6 SAH D . -17.03 3.18 -4.13
N1 SAH D . -16.30 1.05 -4.61
C2 SAH D . -15.32 0.17 -4.89
N3 SAH D . -14.02 0.43 -5.01
C4 SAH D . -13.76 1.78 -4.79
S SO4 E . 22.76 -3.68 -17.25
O1 SO4 E . 21.78 -2.40 -17.47
O2 SO4 E . 24.06 -3.22 -17.68
O3 SO4 E . 22.72 -4.06 -16.01
O4 SO4 E . 22.26 -4.63 -18.22
S SO4 F . 9.29 -14.06 -8.00
O1 SO4 F . 8.94 -15.01 -6.74
O2 SO4 F . 9.46 -12.72 -7.45
O3 SO4 F . 10.36 -14.49 -8.62
O4 SO4 F . 8.06 -14.12 -8.76
S SO4 G . 1.46 -17.52 -15.81
O1 SO4 G . 0.40 -16.55 -15.04
O2 SO4 G . 1.76 -16.85 -17.05
O3 SO4 G . 2.52 -17.72 -15.07
O4 SO4 G . 0.67 -18.70 -16.08
S SO4 H . -16.36 -15.94 15.08
O1 SO4 H . -17.54 -16.52 16.02
O2 SO4 H . -17.00 -14.91 14.28
O3 SO4 H . -15.37 -15.48 15.80
O4 SO4 H . -16.05 -17.07 14.23
#